data_1LXN
#
_entry.id   1LXN
#
_cell.length_a   175.365
_cell.length_b   175.365
_cell.length_c   175.365
_cell.angle_alpha   90.00
_cell.angle_beta   90.00
_cell.angle_gamma   90.00
#
_symmetry.space_group_name_H-M   'P 41 3 2'
#
loop_
_entity.id
_entity.type
_entity.pdbx_description
1 polymer 'HYPOTHETICAL PROTEIN MTH1187'
2 non-polymer 'SULFATE ION'
3 water water
#
_entity_poly.entity_id   1
_entity_poly.type   'polypeptide(L)'
_entity_poly.pdbx_seq_one_letter_code
;(MSE)ITAELTVIPLGTCSTSLSSYVAAAVEALKKLNVRYEISG(MSE)GTLLEAEDLDEL(MSE)EAVKAAHEAVLQAG
SDRVYTTLKIDDRRDADRGLRDKVESVKEKI
;
_entity_poly.pdbx_strand_id   A,B,C,D
#
loop_
_chem_comp.id
_chem_comp.type
_chem_comp.name
_chem_comp.formula
SO4 non-polymer 'SULFATE ION' 'O4 S -2'
#
# COMPACT_ATOMS: atom_id res chain seq x y z
N MSE A 1 -6.89 -21.00 -0.92
CA MSE A 1 -6.09 -20.21 -1.91
C MSE A 1 -6.10 -18.71 -1.65
O MSE A 1 -7.02 -18.00 -2.07
CB MSE A 1 -6.62 -20.47 -3.33
CG MSE A 1 -5.92 -19.63 -4.39
SE MSE A 1 -3.98 -19.76 -4.25
CE MSE A 1 -3.73 -21.43 -5.22
N ILE A 2 -5.06 -18.22 -0.99
CA ILE A 2 -4.94 -16.80 -0.68
C ILE A 2 -3.86 -16.17 -1.57
N THR A 3 -4.15 -14.99 -2.13
CA THR A 3 -3.15 -14.29 -2.95
C THR A 3 -2.69 -13.05 -2.20
N ALA A 4 -1.43 -12.70 -2.36
CA ALA A 4 -0.90 -11.54 -1.67
C ALA A 4 0.33 -10.99 -2.37
N GLU A 5 0.77 -9.82 -1.89
CA GLU A 5 1.96 -9.18 -2.41
C GLU A 5 2.77 -8.67 -1.23
N LEU A 6 4.07 -8.88 -1.29
CA LEU A 6 4.94 -8.46 -0.20
C LEU A 6 6.13 -7.65 -0.70
N THR A 7 6.40 -6.54 -0.02
CA THR A 7 7.54 -5.71 -0.36
C THR A 7 8.24 -5.40 0.95
N VAL A 8 9.51 -5.78 1.05
CA VAL A 8 10.31 -5.54 2.24
C VAL A 8 11.34 -4.53 1.78
N ILE A 9 11.27 -3.31 2.31
CA ILE A 9 12.18 -2.26 1.90
C ILE A 9 13.06 -1.74 3.04
N PRO A 10 14.36 -2.03 2.99
CA PRO A 10 15.25 -1.55 4.05
C PRO A 10 15.50 -0.06 3.81
N LEU A 11 15.53 0.71 4.89
CA LEU A 11 15.74 2.15 4.82
C LEU A 11 17.08 2.57 5.45
N GLY A 12 17.69 3.62 4.91
CA GLY A 12 18.96 4.08 5.45
C GLY A 12 20.08 3.11 5.12
N THR A 13 19.97 2.48 3.96
CA THR A 13 20.92 1.47 3.48
C THR A 13 22.24 2.04 2.92
N CYS A 14 22.23 3.33 2.58
CA CYS A 14 23.38 4.02 2.01
C CYS A 14 23.79 3.39 0.69
N SER A 15 22.77 3.02 -0.08
CA SER A 15 22.92 2.44 -1.40
C SER A 15 21.53 2.36 -2.01
N THR A 16 21.40 2.83 -3.25
CA THR A 16 20.12 2.80 -3.94
C THR A 16 19.85 1.45 -4.57
N SER A 17 20.78 0.51 -4.41
CA SER A 17 20.59 -0.83 -4.95
C SER A 17 20.16 -1.73 -3.80
N LEU A 18 18.92 -2.21 -3.86
CA LEU A 18 18.36 -3.05 -2.80
C LEU A 18 18.16 -4.53 -3.13
N SER A 19 18.58 -4.95 -4.33
CA SER A 19 18.41 -6.34 -4.77
C SER A 19 18.92 -7.44 -3.86
N SER A 20 20.06 -7.23 -3.21
CA SER A 20 20.61 -8.25 -2.33
C SER A 20 19.75 -8.38 -1.07
N TYR A 21 19.16 -7.27 -0.65
CA TYR A 21 18.30 -7.30 0.52
C TYR A 21 17.01 -8.04 0.18
N VAL A 22 16.48 -7.77 -1.01
CA VAL A 22 15.25 -8.42 -1.45
C VAL A 22 15.48 -9.91 -1.68
N ALA A 23 16.63 -10.27 -2.25
CA ALA A 23 16.93 -11.68 -2.48
C ALA A 23 16.97 -12.39 -1.13
N ALA A 24 17.53 -11.73 -0.11
CA ALA A 24 17.58 -12.35 1.22
C ALA A 24 16.16 -12.55 1.76
N ALA A 25 15.27 -11.59 1.51
CA ALA A 25 13.89 -11.70 1.97
C ALA A 25 13.23 -12.89 1.28
N VAL A 26 13.43 -13.01 -0.03
CA VAL A 26 12.84 -14.10 -0.79
C VAL A 26 13.40 -15.45 -0.37
N GLU A 27 14.70 -15.48 -0.10
CA GLU A 27 15.36 -16.70 0.31
C GLU A 27 14.70 -17.21 1.59
N ALA A 28 14.31 -16.29 2.47
CA ALA A 28 13.66 -16.68 3.73
C ALA A 28 12.25 -17.19 3.45
N LEU A 29 11.58 -16.56 2.48
CA LEU A 29 10.22 -16.93 2.07
C LEU A 29 10.18 -18.35 1.54
N LYS A 30 11.16 -18.68 0.72
CA LYS A 30 11.27 -20.00 0.09
C LYS A 30 11.24 -21.18 1.06
N LYS A 31 11.54 -20.93 2.32
CA LYS A 31 11.55 -22.00 3.31
C LYS A 31 10.18 -22.37 3.85
N LEU A 32 9.19 -21.53 3.62
CA LEU A 32 7.83 -21.80 4.09
C LEU A 32 7.01 -22.45 2.99
N ASN A 33 5.85 -22.99 3.34
CA ASN A 33 5.02 -23.65 2.35
C ASN A 33 4.14 -22.70 1.54
N VAL A 34 4.77 -21.77 0.83
CA VAL A 34 4.05 -20.83 -0.01
C VAL A 34 4.65 -20.79 -1.40
N ARG A 35 3.87 -20.36 -2.38
CA ARG A 35 4.37 -20.23 -3.74
C ARG A 35 4.62 -18.74 -3.91
N TYR A 36 5.63 -18.37 -4.67
CA TYR A 36 5.93 -16.96 -4.86
C TYR A 36 6.32 -16.67 -6.29
N GLU A 37 6.25 -15.40 -6.65
CA GLU A 37 6.62 -14.94 -7.99
C GLU A 37 7.16 -13.53 -7.84
N ILE A 38 8.43 -13.35 -8.20
CA ILE A 38 9.07 -12.04 -8.11
C ILE A 38 8.55 -11.15 -9.24
N SER A 39 8.01 -9.98 -8.88
CA SER A 39 7.50 -9.03 -9.88
C SER A 39 8.26 -7.72 -9.76
N GLY A 40 8.06 -6.83 -10.72
CA GLY A 40 8.77 -5.56 -10.71
C GLY A 40 8.52 -4.63 -9.53
N MSE A 41 7.44 -4.83 -8.78
CA MSE A 41 7.13 -3.95 -7.65
C MSE A 41 6.94 -4.65 -6.31
O MSE A 41 6.45 -4.05 -5.37
CB MSE A 41 5.88 -3.14 -7.97
CG MSE A 41 6.05 -2.14 -9.12
SE MSE A 41 7.36 -0.76 -8.74
CE MSE A 41 6.37 0.27 -7.42
N GLY A 42 7.35 -5.93 -6.23
CA GLY A 42 7.21 -6.68 -5.00
C GLY A 42 7.01 -8.16 -5.32
N THR A 43 7.09 -9.02 -4.31
CA THR A 43 6.91 -10.45 -4.53
C THR A 43 5.46 -10.91 -4.34
N LEU A 44 4.93 -11.59 -5.36
CA LEU A 44 3.57 -12.11 -5.34
C LEU A 44 3.57 -13.45 -4.59
N LEU A 45 2.51 -13.72 -3.83
CA LEU A 45 2.43 -14.95 -3.06
C LEU A 45 1.09 -15.65 -3.14
N GLU A 46 1.11 -16.95 -2.90
CA GLU A 46 -0.09 -17.77 -2.84
C GLU A 46 0.13 -18.68 -1.64
N ALA A 47 -0.88 -18.76 -0.78
CA ALA A 47 -0.77 -19.57 0.42
C ALA A 47 -2.09 -20.31 0.63
N GLU A 48 -2.05 -21.40 1.39
CA GLU A 48 -3.24 -22.19 1.67
C GLU A 48 -3.96 -21.69 2.92
N ASP A 49 -3.26 -20.94 3.77
CA ASP A 49 -3.88 -20.42 4.97
C ASP A 49 -3.14 -19.19 5.48
N LEU A 50 -3.81 -18.39 6.29
CA LEU A 50 -3.23 -17.17 6.82
C LEU A 50 -2.02 -17.38 7.71
N ASP A 51 -1.99 -18.48 8.46
CA ASP A 51 -0.85 -18.77 9.31
C ASP A 51 0.46 -18.87 8.51
N GLU A 52 0.48 -19.69 7.46
CA GLU A 52 1.69 -19.84 6.64
C GLU A 52 2.13 -18.51 6.06
N LEU A 53 1.18 -17.77 5.51
CA LEU A 53 1.48 -16.47 4.93
C LEU A 53 2.15 -15.55 5.95
N MSE A 54 1.54 -15.41 7.14
CA MSE A 54 2.12 -14.55 8.17
C MSE A 54 3.53 -15.03 8.55
O MSE A 54 4.43 -14.21 8.77
CB MSE A 54 1.24 -14.50 9.42
CG MSE A 54 -0.18 -13.97 9.21
SE MSE A 54 -0.26 -12.35 8.15
CE MSE A 54 -1.08 -13.10 6.56
N GLU A 55 3.72 -16.33 8.66
CA GLU A 55 5.03 -16.86 9.00
C GLU A 55 6.03 -16.53 7.88
N ALA A 56 5.58 -16.62 6.63
CA ALA A 56 6.47 -16.32 5.51
C ALA A 56 6.83 -14.83 5.50
N VAL A 57 5.86 -13.98 5.81
CA VAL A 57 6.08 -12.54 5.86
C VAL A 57 7.03 -12.17 7.00
N LYS A 58 6.83 -12.77 8.17
CA LYS A 58 7.71 -12.47 9.30
C LYS A 58 9.13 -12.91 8.96
N ALA A 59 9.26 -14.08 8.34
CA ALA A 59 10.56 -14.59 7.96
C ALA A 59 11.29 -13.65 6.99
N ALA A 60 10.56 -13.16 5.99
CA ALA A 60 11.15 -12.27 5.00
C ALA A 60 11.60 -10.98 5.66
N HIS A 61 10.73 -10.42 6.50
CA HIS A 61 11.03 -9.19 7.23
C HIS A 61 12.29 -9.34 8.08
N GLU A 62 12.36 -10.42 8.86
CA GLU A 62 13.49 -10.70 9.74
C GLU A 62 14.80 -10.88 8.97
N ALA A 63 14.73 -11.52 7.80
CA ALA A 63 15.92 -11.76 7.01
C ALA A 63 16.59 -10.45 6.59
N VAL A 64 15.79 -9.42 6.33
CA VAL A 64 16.35 -8.14 5.93
C VAL A 64 17.01 -7.46 7.12
N LEU A 65 16.44 -7.64 8.31
CA LEU A 65 17.05 -7.06 9.50
C LEU A 65 18.36 -7.82 9.77
N GLN A 66 18.31 -9.14 9.63
CA GLN A 66 19.50 -9.96 9.87
C GLN A 66 20.58 -9.64 8.86
N ALA A 67 20.15 -9.27 7.65
CA ALA A 67 21.06 -8.92 6.58
C ALA A 67 21.86 -7.66 6.93
N GLY A 68 21.41 -6.94 7.96
CA GLY A 68 22.13 -5.74 8.36
C GLY A 68 21.37 -4.42 8.37
N SER A 69 20.11 -4.44 7.95
CA SER A 69 19.33 -3.20 7.94
C SER A 69 18.83 -2.84 9.33
N ASP A 70 18.94 -1.56 9.68
CA ASP A 70 18.50 -1.06 10.97
C ASP A 70 17.08 -0.50 10.94
N ARG A 71 16.47 -0.48 9.75
CA ARG A 71 15.10 0.01 9.61
C ARG A 71 14.45 -0.63 8.39
N VAL A 72 13.42 -1.44 8.63
CA VAL A 72 12.73 -2.10 7.55
C VAL A 72 11.27 -1.65 7.43
N TYR A 73 10.89 -1.28 6.22
CA TYR A 73 9.55 -0.83 5.91
C TYR A 73 8.90 -1.94 5.08
N THR A 74 7.97 -2.67 5.69
CA THR A 74 7.33 -3.77 5.03
C THR A 74 5.85 -3.56 4.73
N THR A 75 5.46 -3.93 3.51
CA THR A 75 4.09 -3.79 3.06
C THR A 75 3.56 -5.16 2.63
N LEU A 76 2.34 -5.46 3.07
CA LEU A 76 1.70 -6.72 2.72
C LEU A 76 0.26 -6.44 2.31
N LYS A 77 -0.12 -6.93 1.13
CA LYS A 77 -1.48 -6.78 0.64
C LYS A 77 -2.03 -8.19 0.55
N ILE A 78 -3.20 -8.41 1.13
CA ILE A 78 -3.81 -9.73 1.10
C ILE A 78 -5.17 -9.68 0.42
N ASP A 79 -5.37 -10.57 -0.55
CA ASP A 79 -6.64 -10.67 -1.25
C ASP A 79 -7.15 -12.05 -0.88
N ASP A 80 -8.05 -12.11 0.09
CA ASP A 80 -8.59 -13.38 0.55
C ASP A 80 -10.02 -13.59 0.06
N ARG A 81 -10.17 -14.38 -1.00
CA ARG A 81 -11.48 -14.64 -1.57
C ARG A 81 -11.96 -16.03 -1.20
N ARG A 82 -13.06 -16.10 -0.46
CA ARG A 82 -13.62 -17.35 0.01
C ARG A 82 -14.75 -17.98 -0.82
N ASP A 83 -15.33 -17.23 -1.76
CA ASP A 83 -16.42 -17.79 -2.56
C ASP A 83 -15.93 -18.28 -3.92
N ALA A 84 -14.62 -18.33 -4.11
CA ALA A 84 -14.03 -18.80 -5.36
C ALA A 84 -12.54 -19.02 -5.18
N ASP A 85 -12.01 -20.01 -5.90
CA ASP A 85 -10.58 -20.32 -5.84
C ASP A 85 -9.89 -19.58 -6.98
N ARG A 86 -9.07 -18.60 -6.65
CA ARG A 86 -8.38 -17.82 -7.67
C ARG A 86 -6.91 -17.62 -7.35
N GLY A 87 -6.05 -18.20 -8.16
CA GLY A 87 -4.62 -18.02 -7.98
C GLY A 87 -4.20 -16.77 -8.74
N LEU A 88 -2.92 -16.42 -8.65
CA LEU A 88 -2.39 -15.25 -9.33
C LEU A 88 -2.70 -15.27 -10.82
N ARG A 89 -2.41 -16.40 -11.46
CA ARG A 89 -2.66 -16.56 -12.90
C ARG A 89 -4.14 -16.40 -13.23
N ASP A 90 -5.00 -17.08 -12.46
CA ASP A 90 -6.45 -17.00 -12.68
C ASP A 90 -6.92 -15.55 -12.71
N LYS A 91 -6.43 -14.75 -11.76
CA LYS A 91 -6.82 -13.36 -11.67
C LYS A 91 -6.34 -12.56 -12.88
N VAL A 92 -5.14 -12.86 -13.35
CA VAL A 92 -4.60 -12.15 -14.51
C VAL A 92 -5.46 -12.50 -15.73
N GLU A 93 -5.71 -13.78 -15.93
CA GLU A 93 -6.51 -14.23 -17.08
C GLU A 93 -7.96 -13.74 -17.05
N SER A 94 -8.52 -13.57 -15.85
CA SER A 94 -9.90 -13.09 -15.75
C SER A 94 -10.02 -11.66 -16.26
N VAL A 95 -9.01 -10.85 -15.94
CA VAL A 95 -8.99 -9.46 -16.37
C VAL A 95 -8.76 -9.37 -17.88
N LYS A 96 -7.77 -10.11 -18.37
CA LYS A 96 -7.45 -10.10 -19.79
C LYS A 96 -8.64 -10.54 -20.63
N GLU A 97 -9.34 -11.57 -20.18
CA GLU A 97 -10.51 -12.08 -20.89
C GLU A 97 -11.57 -11.00 -21.05
N LYS A 98 -11.64 -10.09 -20.08
CA LYS A 98 -12.63 -9.01 -20.13
C LYS A 98 -12.17 -7.81 -20.95
N ILE A 99 -10.91 -7.80 -21.36
CA ILE A 99 -10.39 -6.70 -22.17
C ILE A 99 -10.62 -7.03 -23.65
N MSE B 1 12.84 6.71 -16.64
CA MSE B 1 12.24 5.40 -16.41
C MSE B 1 11.64 5.24 -15.02
O MSE B 1 12.34 4.88 -14.07
CB MSE B 1 13.27 4.30 -16.63
CG MSE B 1 12.76 2.91 -16.30
SE MSE B 1 11.15 2.47 -17.25
CE MSE B 1 11.96 1.61 -18.80
N ILE B 2 10.34 5.48 -14.89
CA ILE B 2 9.69 5.33 -13.59
C ILE B 2 8.89 4.04 -13.56
N THR B 3 9.02 3.30 -12.47
CA THR B 3 8.31 2.05 -12.33
C THR B 3 7.23 2.20 -11.25
N ALA B 4 6.06 1.62 -11.49
CA ALA B 4 4.97 1.73 -10.52
C ALA B 4 3.96 0.59 -10.59
N GLU B 5 3.07 0.56 -9.60
CA GLU B 5 2.00 -0.43 -9.54
C GLU B 5 0.70 0.26 -9.20
N LEU B 6 -0.35 -0.08 -9.94
CA LEU B 6 -1.65 0.53 -9.74
C LEU B 6 -2.75 -0.48 -9.46
N THR B 7 -3.51 -0.21 -8.40
CA THR B 7 -4.64 -1.07 -8.08
C THR B 7 -5.86 -0.18 -7.91
N VAL B 8 -6.88 -0.44 -8.72
CA VAL B 8 -8.12 0.32 -8.66
C VAL B 8 -9.17 -0.67 -8.18
N ILE B 9 -9.72 -0.41 -6.99
CA ILE B 9 -10.70 -1.33 -6.44
C ILE B 9 -12.04 -0.69 -6.13
N PRO B 10 -13.08 -1.08 -6.89
CA PRO B 10 -14.42 -0.54 -6.66
C PRO B 10 -15.00 -1.17 -5.40
N LEU B 11 -15.66 -0.36 -4.58
CA LEU B 11 -16.24 -0.85 -3.34
C LEU B 11 -17.76 -0.79 -3.37
N GLY B 12 -18.41 -1.71 -2.66
CA GLY B 12 -19.85 -1.77 -2.61
C GLY B 12 -20.50 -2.12 -3.94
N THR B 13 -19.82 -2.92 -4.76
CA THR B 13 -20.35 -3.30 -6.06
C THR B 13 -21.38 -4.43 -6.02
N CYS B 14 -21.59 -4.99 -4.85
CA CYS B 14 -22.54 -6.10 -4.65
C CYS B 14 -22.20 -7.32 -5.50
N SER B 15 -20.91 -7.58 -5.63
CA SER B 15 -20.43 -8.72 -6.39
C SER B 15 -18.96 -8.88 -6.07
N THR B 16 -18.53 -10.10 -5.76
CA THR B 16 -17.13 -10.36 -5.43
C THR B 16 -16.25 -10.55 -6.66
N SER B 17 -16.84 -10.50 -7.85
CA SER B 17 -16.08 -10.62 -9.09
C SER B 17 -15.87 -9.20 -9.60
N LEU B 18 -14.63 -8.73 -9.56
CA LEU B 18 -14.30 -7.37 -9.98
C LEU B 18 -13.55 -7.26 -11.31
N SER B 19 -13.39 -8.38 -12.00
CA SER B 19 -12.66 -8.41 -13.28
C SER B 19 -13.08 -7.41 -14.34
N SER B 20 -14.37 -7.22 -14.55
CA SER B 20 -14.83 -6.30 -15.58
C SER B 20 -14.49 -4.85 -15.24
N TYR B 21 -14.47 -4.55 -13.95
CA TYR B 21 -14.12 -3.22 -13.48
C TYR B 21 -12.63 -2.98 -13.68
N VAL B 22 -11.82 -3.96 -13.31
CA VAL B 22 -10.37 -3.85 -13.46
C VAL B 22 -10.05 -3.73 -14.94
N ALA B 23 -10.74 -4.51 -15.77
CA ALA B 23 -10.51 -4.48 -17.22
C ALA B 23 -10.78 -3.07 -17.72
N ALA B 24 -11.85 -2.45 -17.24
CA ALA B 24 -12.20 -1.10 -17.65
C ALA B 24 -11.05 -0.15 -17.30
N ALA B 25 -10.43 -0.38 -16.14
CA ALA B 25 -9.31 0.45 -15.70
C ALA B 25 -8.12 0.28 -16.63
N VAL B 26 -7.83 -0.96 -16.99
CA VAL B 26 -6.72 -1.26 -17.88
C VAL B 26 -6.96 -0.72 -19.29
N GLU B 27 -8.20 -0.77 -19.75
CA GLU B 27 -8.52 -0.25 -21.08
C GLU B 27 -8.16 1.23 -21.14
N ALA B 28 -8.32 1.94 -20.03
CA ALA B 28 -8.00 3.35 -19.99
C ALA B 28 -6.48 3.49 -20.13
N LEU B 29 -5.74 2.52 -19.60
CA LEU B 29 -4.29 2.55 -19.72
C LEU B 29 -3.93 2.29 -21.17
N LYS B 30 -4.70 1.41 -21.80
CA LYS B 30 -4.47 1.08 -23.20
C LYS B 30 -4.77 2.27 -24.11
N LYS B 31 -5.80 3.05 -23.77
CA LYS B 31 -6.14 4.22 -24.58
C LYS B 31 -4.90 5.10 -24.67
N LEU B 32 -4.34 5.46 -23.52
CA LEU B 32 -3.10 6.23 -23.54
C LEU B 32 -2.16 5.13 -24.02
N ASN B 33 -0.89 5.44 -24.27
CA ASN B 33 -0.01 4.37 -24.70
C ASN B 33 0.97 4.12 -23.58
N VAL B 34 0.43 3.57 -22.49
CA VAL B 34 1.21 3.28 -21.30
C VAL B 34 1.70 1.84 -21.33
N ARG B 35 2.93 1.63 -20.88
CA ARG B 35 3.49 0.29 -20.82
C ARG B 35 2.95 -0.30 -19.52
N TYR B 36 2.18 -1.38 -19.62
CA TYR B 36 1.63 -1.99 -18.42
C TYR B 36 1.78 -3.50 -18.47
N GLU B 37 1.67 -4.11 -17.30
CA GLU B 37 1.77 -5.54 -17.15
C GLU B 37 0.81 -5.94 -16.03
N ILE B 38 -0.23 -6.67 -16.39
CA ILE B 38 -1.23 -7.11 -15.42
C ILE B 38 -0.65 -8.24 -14.58
N SER B 39 -0.60 -8.05 -13.26
CA SER B 39 -0.09 -9.08 -12.36
C SER B 39 -1.26 -9.49 -11.46
N GLY B 40 -1.11 -10.62 -10.78
CA GLY B 40 -2.17 -11.09 -9.91
C GLY B 40 -2.62 -10.16 -8.79
N MSE B 41 -1.83 -9.16 -8.44
CA MSE B 41 -2.21 -8.24 -7.37
C MSE B 41 -2.31 -6.78 -7.78
O MSE B 41 -2.39 -5.90 -6.93
CB MSE B 41 -1.21 -8.36 -6.20
CG MSE B 41 -1.26 -9.68 -5.45
SE MSE B 41 -2.96 -10.05 -4.56
CE MSE B 41 -2.84 -8.74 -3.12
N GLY B 42 -2.30 -6.52 -9.08
CA GLY B 42 -2.39 -5.15 -9.54
C GLY B 42 -1.68 -4.98 -10.86
N THR B 43 -1.82 -3.82 -11.48
CA THR B 43 -1.17 -3.58 -12.76
C THR B 43 0.16 -2.83 -12.64
N LEU B 44 1.20 -3.41 -13.20
CA LEU B 44 2.53 -2.83 -13.16
C LEU B 44 2.67 -1.84 -14.29
N LEU B 45 3.31 -0.69 -14.03
CA LEU B 45 3.48 0.35 -15.04
C LEU B 45 4.91 0.85 -15.19
N GLU B 46 5.22 1.32 -16.39
CA GLU B 46 6.51 1.93 -16.70
C GLU B 46 6.14 3.26 -17.34
N ALA B 47 6.68 4.35 -16.82
CA ALA B 47 6.36 5.67 -17.37
C ALA B 47 7.62 6.49 -17.63
N GLU B 48 7.53 7.37 -18.63
CA GLU B 48 8.63 8.24 -19.00
C GLU B 48 8.84 9.36 -17.99
N ASP B 49 7.75 9.83 -17.40
CA ASP B 49 7.81 10.90 -16.42
C ASP B 49 6.59 10.87 -15.50
N LEU B 50 6.61 11.69 -14.46
CA LEU B 50 5.49 11.72 -13.51
C LEU B 50 4.14 12.15 -14.10
N ASP B 51 4.14 13.13 -14.99
CA ASP B 51 2.89 13.60 -15.58
C ASP B 51 2.17 12.47 -16.30
N GLU B 52 2.93 11.68 -17.05
CA GLU B 52 2.36 10.57 -17.80
C GLU B 52 1.72 9.56 -16.83
N LEU B 53 2.41 9.33 -15.72
CA LEU B 53 1.92 8.40 -14.71
C LEU B 53 0.66 8.92 -14.04
N MSE B 54 0.67 10.20 -13.64
CA MSE B 54 -0.47 10.81 -12.98
C MSE B 54 -1.72 10.78 -13.85
O MSE B 54 -2.82 10.55 -13.36
CB MSE B 54 -0.15 12.25 -12.58
CG MSE B 54 1.04 12.39 -11.66
SE MSE B 54 0.84 11.48 -9.98
CE MSE B 54 1.57 9.76 -10.45
N GLU B 55 -1.55 11.01 -15.15
CA GLU B 55 -2.69 11.01 -16.05
C GLU B 55 -3.21 9.60 -16.28
N ALA B 56 -2.30 8.63 -16.35
CA ALA B 56 -2.69 7.24 -16.55
C ALA B 56 -3.49 6.76 -15.34
N VAL B 57 -3.04 7.14 -14.15
CA VAL B 57 -3.71 6.76 -12.91
C VAL B 57 -5.09 7.40 -12.82
N LYS B 58 -5.19 8.69 -13.16
CA LYS B 58 -6.47 9.39 -13.11
C LYS B 58 -7.47 8.73 -14.08
N ALA B 59 -7.00 8.42 -15.29
CA ALA B 59 -7.85 7.79 -16.29
C ALA B 59 -8.37 6.43 -15.85
N ALA B 60 -7.48 5.62 -15.26
CA ALA B 60 -7.86 4.29 -14.80
C ALA B 60 -8.92 4.40 -13.71
N HIS B 61 -8.71 5.34 -12.79
CA HIS B 61 -9.62 5.60 -11.69
C HIS B 61 -10.98 6.07 -12.23
N GLU B 62 -10.96 7.07 -13.11
CA GLU B 62 -12.19 7.60 -13.70
C GLU B 62 -12.95 6.51 -14.45
N ALA B 63 -12.22 5.62 -15.12
CA ALA B 63 -12.85 4.56 -15.89
C ALA B 63 -13.73 3.66 -15.01
N VAL B 64 -13.27 3.39 -13.79
CA VAL B 64 -14.02 2.53 -12.88
C VAL B 64 -15.24 3.27 -12.32
N LEU B 65 -15.11 4.58 -12.14
CA LEU B 65 -16.23 5.38 -11.67
C LEU B 65 -17.28 5.38 -12.78
N GLN B 66 -16.84 5.62 -14.01
CA GLN B 66 -17.76 5.66 -15.14
C GLN B 66 -18.38 4.30 -15.44
N ALA B 67 -17.71 3.23 -15.02
CA ALA B 67 -18.22 1.89 -15.25
C ALA B 67 -19.42 1.63 -14.33
N GLY B 68 -19.62 2.49 -13.33
CA GLY B 68 -20.75 2.34 -12.43
C GLY B 68 -20.46 2.31 -10.93
N SER B 69 -19.19 2.38 -10.54
CA SER B 69 -18.85 2.35 -9.12
C SER B 69 -19.04 3.71 -8.45
N ASP B 70 -19.63 3.70 -7.25
CA ASP B 70 -19.85 4.95 -6.52
C ASP B 70 -18.80 5.17 -5.44
N ARG B 71 -17.90 4.20 -5.30
CA ARG B 71 -16.81 4.31 -4.35
C ARG B 71 -15.64 3.52 -4.89
N VAL B 72 -14.57 4.24 -5.23
CA VAL B 72 -13.39 3.58 -5.77
C VAL B 72 -12.18 3.83 -4.88
N TYR B 73 -11.52 2.74 -4.51
CA TYR B 73 -10.35 2.76 -3.67
C TYR B 73 -9.13 2.51 -4.56
N THR B 74 -8.32 3.53 -4.79
CA THR B 74 -7.17 3.38 -5.65
C THR B 74 -5.84 3.47 -4.92
N THR B 75 -4.92 2.59 -5.30
CA THR B 75 -3.61 2.56 -4.70
C THR B 75 -2.54 2.68 -5.78
N LEU B 76 -1.57 3.56 -5.54
CA LEU B 76 -0.49 3.76 -6.47
C LEU B 76 0.84 3.72 -5.72
N LYS B 77 1.74 2.87 -6.19
CA LYS B 77 3.08 2.74 -5.63
C LYS B 77 4.02 3.21 -6.72
N ILE B 78 4.92 4.13 -6.38
CA ILE B 78 5.87 4.63 -7.36
C ILE B 78 7.31 4.41 -6.91
N ASP B 79 8.11 3.77 -7.77
CA ASP B 79 9.52 3.57 -7.47
C ASP B 79 10.26 4.41 -8.51
N ASP B 80 10.69 5.59 -8.09
CA ASP B 80 11.36 6.55 -8.97
C ASP B 80 12.86 6.57 -8.70
N ARG B 81 13.61 5.79 -9.50
CA ARG B 81 15.06 5.72 -9.33
C ARG B 81 15.75 6.52 -10.44
N ARG B 82 16.54 7.51 -10.05
CA ARG B 82 17.22 8.39 -10.99
C ARG B 82 18.69 8.11 -11.27
N ASP B 83 19.34 7.29 -10.45
CA ASP B 83 20.76 7.01 -10.65
C ASP B 83 21.00 5.70 -11.41
N ALA B 84 19.93 5.14 -11.94
CA ALA B 84 20.01 3.90 -12.71
C ALA B 84 18.74 3.77 -13.52
N ASP B 85 18.85 3.13 -14.68
CA ASP B 85 17.70 2.92 -15.55
C ASP B 85 17.21 1.48 -15.35
N ARG B 86 16.11 1.33 -14.62
CA ARG B 86 15.57 0.02 -14.33
C ARG B 86 14.09 -0.16 -14.65
N GLY B 87 13.79 -1.04 -15.59
CA GLY B 87 12.41 -1.32 -15.94
C GLY B 87 11.94 -2.47 -15.05
N LEU B 88 10.69 -2.90 -15.21
CA LEU B 88 10.14 -3.97 -14.41
C LEU B 88 10.95 -5.26 -14.56
N ARG B 89 11.26 -5.62 -15.80
CA ARG B 89 12.04 -6.83 -16.07
C ARG B 89 13.43 -6.74 -15.41
N ASP B 90 14.06 -5.58 -15.51
CA ASP B 90 15.38 -5.36 -14.90
C ASP B 90 15.34 -5.62 -13.39
N LYS B 91 14.31 -5.09 -12.73
CA LYS B 91 14.17 -5.27 -11.29
C LYS B 91 13.98 -6.75 -10.93
N VAL B 92 13.19 -7.45 -11.72
CA VAL B 92 12.97 -8.87 -11.46
C VAL B 92 14.29 -9.62 -11.64
N GLU B 93 14.95 -9.42 -12.77
CA GLU B 93 16.22 -10.12 -13.00
C GLU B 93 17.31 -9.83 -11.98
N SER B 94 17.39 -8.59 -11.49
CA SER B 94 18.41 -8.25 -10.51
C SER B 94 18.23 -9.04 -9.22
N VAL B 95 16.97 -9.23 -8.82
CA VAL B 95 16.68 -9.99 -7.61
C VAL B 95 17.01 -11.46 -7.84
N LYS B 96 16.52 -12.03 -8.93
CA LYS B 96 16.78 -13.44 -9.23
C LYS B 96 18.27 -13.78 -9.27
N GLU B 97 19.05 -12.89 -9.87
CA GLU B 97 20.47 -13.09 -10.01
C GLU B 97 21.17 -13.17 -8.65
N LYS B 98 20.60 -12.54 -7.63
CA LYS B 98 21.19 -12.55 -6.30
C LYS B 98 20.75 -13.75 -5.46
N ILE B 99 19.70 -14.44 -5.90
CA ILE B 99 19.23 -15.61 -5.19
C ILE B 99 20.07 -16.82 -5.59
N MSE C 1 9.68 -1.34 19.95
CA MSE C 1 8.64 -0.45 19.44
C MSE C 1 8.46 -0.51 17.93
O MSE C 1 9.21 0.11 17.17
CB MSE C 1 8.95 0.99 19.85
CG MSE C 1 8.04 2.03 19.22
SE MSE C 1 6.15 1.72 19.57
CE MSE C 1 6.09 2.32 21.41
N ILE C 2 7.45 -1.26 17.49
CA ILE C 2 7.16 -1.37 16.06
C ILE C 2 5.92 -0.54 15.79
N THR C 3 5.97 0.22 14.72
CA THR C 3 4.86 1.09 14.36
C THR C 3 4.24 0.59 13.03
N ALA C 4 2.91 0.60 12.93
CA ALA C 4 2.25 0.11 11.72
C ALA C 4 0.89 0.73 11.40
N GLU C 5 0.36 0.36 10.24
CA GLU C 5 -0.94 0.82 9.78
C GLU C 5 -1.67 -0.35 9.15
N LEU C 6 -2.93 -0.53 9.54
CA LEU C 6 -3.73 -1.64 9.02
C LEU C 6 -5.08 -1.21 8.45
N THR C 7 -5.40 -1.74 7.27
CA THR C 7 -6.68 -1.45 6.64
C THR C 7 -7.25 -2.80 6.21
N VAL C 8 -8.50 -3.06 6.62
CA VAL C 8 -9.18 -4.30 6.27
C VAL C 8 -10.43 -3.85 5.55
N ILE C 9 -10.55 -4.21 4.29
CA ILE C 9 -11.68 -3.81 3.48
C ILE C 9 -12.48 -4.94 2.84
N PRO C 10 -13.78 -5.03 3.17
CA PRO C 10 -14.64 -6.09 2.60
C PRO C 10 -14.88 -5.71 1.14
N LEU C 11 -14.71 -6.66 0.24
CA LEU C 11 -14.88 -6.41 -1.18
C LEU C 11 -16.16 -7.06 -1.69
N GLY C 12 -16.88 -6.35 -2.56
CA GLY C 12 -18.11 -6.88 -3.11
C GLY C 12 -19.32 -6.84 -2.19
N THR C 13 -19.26 -6.03 -1.13
CA THR C 13 -20.41 -5.94 -0.24
C THR C 13 -21.49 -5.24 -1.06
N CYS C 14 -22.70 -5.29 -0.55
CA CYS C 14 -23.81 -4.71 -1.27
C CYS C 14 -24.19 -3.33 -0.75
N SER C 15 -23.19 -2.60 -0.27
CA SER C 15 -23.36 -1.25 0.24
C SER C 15 -22.00 -0.56 0.24
N THR C 16 -21.98 0.75 0.02
CA THR C 16 -20.72 1.49 0.01
C THR C 16 -20.32 1.88 1.44
N SER C 17 -21.23 1.65 2.39
CA SER C 17 -20.99 1.96 3.80
C SER C 17 -20.27 0.74 4.41
N LEU C 18 -19.00 0.90 4.77
CA LEU C 18 -18.21 -0.21 5.31
C LEU C 18 -17.82 -0.10 6.79
N SER C 19 -18.31 0.92 7.47
CA SER C 19 -17.99 1.17 8.87
C SER C 19 -18.23 0.04 9.87
N SER C 20 -19.32 -0.71 9.70
CA SER C 20 -19.62 -1.80 10.61
C SER C 20 -18.59 -2.92 10.43
N TYR C 21 -18.07 -3.04 9.22
CA TYR C 21 -17.07 -4.06 8.93
C TYR C 21 -15.74 -3.66 9.56
N VAL C 22 -15.33 -2.41 9.33
CA VAL C 22 -14.08 -1.90 9.89
C VAL C 22 -14.12 -1.98 11.41
N ALA C 23 -15.29 -1.68 11.99
CA ALA C 23 -15.45 -1.72 13.44
C ALA C 23 -15.23 -3.13 13.94
N ALA C 24 -15.67 -4.13 13.18
CA ALA C 24 -15.47 -5.52 13.57
C ALA C 24 -13.96 -5.80 13.60
N ALA C 25 -13.25 -5.30 12.60
CA ALA C 25 -11.80 -5.49 12.53
C ALA C 25 -11.13 -4.86 13.75
N VAL C 26 -11.46 -3.60 14.03
CA VAL C 26 -10.88 -2.91 15.18
C VAL C 26 -11.21 -3.60 16.50
N GLU C 27 -12.43 -4.11 16.60
CA GLU C 27 -12.88 -4.79 17.80
C GLU C 27 -11.98 -5.98 18.16
N ALA C 28 -11.53 -6.70 17.13
CA ALA C 28 -10.66 -7.86 17.36
C ALA C 28 -9.30 -7.43 17.91
N LEU C 29 -8.86 -6.23 17.58
CA LEU C 29 -7.58 -5.72 18.06
C LEU C 29 -7.55 -5.52 19.58
N LYS C 30 -8.74 -5.33 20.16
CA LYS C 30 -8.89 -5.11 21.60
C LYS C 30 -8.42 -6.25 22.48
N LYS C 31 -8.45 -7.47 21.96
CA LYS C 31 -8.04 -8.63 22.72
C LYS C 31 -6.56 -8.94 22.59
N LEU C 32 -5.83 -8.06 21.92
CA LEU C 32 -4.41 -8.28 21.71
C LEU C 32 -3.50 -7.23 22.33
N ASN C 33 -2.23 -7.57 22.46
CA ASN C 33 -1.24 -6.68 23.05
C ASN C 33 -0.71 -5.64 22.07
N VAL C 34 -1.62 -4.81 21.56
CA VAL C 34 -1.23 -3.74 20.64
C VAL C 34 -2.00 -2.49 21.03
N ARG C 35 -1.49 -1.35 20.60
CA ARG C 35 -2.15 -0.08 20.86
C ARG C 35 -2.63 0.36 19.49
N TYR C 36 -3.86 0.86 19.40
CA TYR C 36 -4.38 1.29 18.11
C TYR C 36 -4.91 2.71 18.15
N GLU C 37 -4.97 3.33 16.98
CA GLU C 37 -5.46 4.68 16.84
C GLU C 37 -6.18 4.71 15.49
N ILE C 38 -7.46 5.07 15.51
CA ILE C 38 -8.23 5.11 14.28
C ILE C 38 -8.01 6.38 13.48
N SER C 39 -7.65 6.20 12.20
CA SER C 39 -7.43 7.31 11.28
C SER C 39 -8.48 7.21 10.18
N GLY C 40 -8.70 8.30 9.46
CA GLY C 40 -9.70 8.28 8.41
C GLY C 40 -9.25 7.50 7.20
N MSE C 41 -8.07 6.88 7.28
CA MSE C 41 -7.55 6.14 6.13
C MSE C 41 -6.99 4.77 6.53
O MSE C 41 -6.38 4.08 5.71
CB MSE C 41 -6.48 7.00 5.45
CG MSE C 41 -6.51 7.05 3.95
SE MSE C 41 -8.22 7.53 3.06
CE MSE C 41 -7.98 6.34 1.57
N GLY C 42 -7.21 4.37 7.78
CA GLY C 42 -6.72 3.09 8.26
C GLY C 42 -6.42 3.16 9.75
N THR C 43 -6.19 2.02 10.39
CA THR C 43 -5.89 2.01 11.82
C THR C 43 -4.38 1.97 12.09
N LEU C 44 -3.92 2.92 12.91
CA LEU C 44 -2.50 3.02 13.27
C LEU C 44 -2.24 2.06 14.41
N LEU C 45 -1.08 1.39 14.38
CA LEU C 45 -0.73 0.42 15.41
C LEU C 45 0.66 0.61 15.99
N GLU C 46 0.82 0.18 17.24
CA GLU C 46 2.10 0.19 17.94
C GLU C 46 2.19 -1.17 18.62
N ALA C 47 3.27 -1.88 18.38
CA ALA C 47 3.46 -3.20 18.98
C ALA C 47 4.86 -3.39 19.56
N GLU C 48 4.97 -4.32 20.49
CA GLU C 48 6.23 -4.64 21.15
C GLU C 48 7.07 -5.54 20.24
N ASP C 49 6.41 -6.49 19.58
CA ASP C 49 7.11 -7.41 18.69
C ASP C 49 6.33 -7.73 17.42
N LEU C 50 7.00 -8.36 16.47
CA LEU C 50 6.40 -8.70 15.19
C LEU C 50 5.29 -9.74 15.26
N ASP C 51 5.43 -10.75 16.12
CA ASP C 51 4.42 -11.80 16.26
C ASP C 51 3.06 -11.28 16.69
N GLU C 52 3.04 -10.36 17.66
CA GLU C 52 1.78 -9.80 18.14
C GLU C 52 1.12 -8.98 17.05
N LEU C 53 1.94 -8.31 16.25
CA LEU C 53 1.42 -7.50 15.15
C LEU C 53 0.77 -8.42 14.13
N MSE C 54 1.38 -9.58 13.90
CA MSE C 54 0.84 -10.53 12.94
C MSE C 54 -0.44 -11.17 13.48
O MSE C 54 -1.35 -11.47 12.71
CB MSE C 54 1.86 -11.60 12.59
CG MSE C 54 3.13 -11.06 11.92
SE MSE C 54 2.76 -9.90 10.40
CE MSE C 54 2.75 -8.20 11.32
N GLU C 55 -0.49 -11.39 14.79
CA GLU C 55 -1.69 -11.98 15.39
C GLU C 55 -2.84 -10.98 15.30
N ALA C 56 -2.54 -9.72 15.57
CA ALA C 56 -3.54 -8.66 15.51
C ALA C 56 -4.11 -8.51 14.10
N VAL C 57 -3.23 -8.57 13.10
CA VAL C 57 -3.66 -8.45 11.72
C VAL C 57 -4.49 -9.64 11.31
N LYS C 58 -4.07 -10.83 11.72
CA LYS C 58 -4.84 -12.02 11.38
C LYS C 58 -6.22 -11.96 12.01
N ALA C 59 -6.28 -11.52 13.27
CA ALA C 59 -7.55 -11.43 13.98
C ALA C 59 -8.51 -10.42 13.36
N ALA C 60 -7.99 -9.26 12.97
CA ALA C 60 -8.81 -8.22 12.35
C ALA C 60 -9.39 -8.74 11.04
N HIS C 61 -8.50 -9.33 10.24
CA HIS C 61 -8.86 -9.91 8.95
C HIS C 61 -9.97 -10.97 9.16
N GLU C 62 -9.74 -11.89 10.10
CA GLU C 62 -10.70 -12.95 10.39
C GLU C 62 -12.06 -12.39 10.83
N ALA C 63 -12.03 -11.30 11.60
CA ALA C 63 -13.26 -10.68 12.09
C ALA C 63 -14.15 -10.23 10.94
N VAL C 64 -13.55 -9.68 9.88
CA VAL C 64 -14.34 -9.22 8.76
C VAL C 64 -14.90 -10.40 7.98
N LEU C 65 -14.17 -11.51 7.94
CA LEU C 65 -14.67 -12.70 7.26
C LEU C 65 -15.84 -13.21 8.11
N GLN C 66 -15.62 -13.27 9.42
CA GLN C 66 -16.65 -13.75 10.34
C GLN C 66 -17.93 -12.92 10.26
N ALA C 67 -17.78 -11.61 10.09
CA ALA C 67 -18.93 -10.72 10.01
C ALA C 67 -19.75 -10.94 8.74
N GLY C 68 -19.28 -11.80 7.85
CA GLY C 68 -20.04 -12.07 6.63
C GLY C 68 -19.40 -11.79 5.28
N SER C 69 -18.21 -11.21 5.26
CA SER C 69 -17.56 -10.91 3.98
C SER C 69 -16.96 -12.18 3.34
N ASP C 70 -17.10 -12.30 2.03
CA ASP C 70 -16.57 -13.45 1.30
C ASP C 70 -15.27 -13.10 0.60
N ARG C 71 -14.89 -11.83 0.65
CA ARG C 71 -13.66 -11.39 0.03
C ARG C 71 -13.12 -10.19 0.78
N VAL C 72 -12.01 -10.42 1.49
CA VAL C 72 -11.42 -9.37 2.27
C VAL C 72 -10.05 -8.95 1.75
N TYR C 73 -9.89 -7.64 1.59
CA TYR C 73 -8.65 -7.06 1.11
C TYR C 73 -7.97 -6.39 2.30
N THR C 74 -6.84 -6.97 2.74
CA THR C 74 -6.13 -6.43 3.89
C THR C 74 -4.78 -5.88 3.53
N THR C 75 -4.47 -4.73 4.10
CA THR C 75 -3.22 -4.05 3.83
C THR C 75 -2.51 -3.72 5.14
N LEU C 76 -1.23 -4.09 5.21
CA LEU C 76 -0.41 -3.84 6.39
C LEU C 76 0.91 -3.18 6.03
N LYS C 77 1.18 -2.06 6.67
CA LYS C 77 2.40 -1.30 6.47
C LYS C 77 3.14 -1.35 7.80
N ILE C 78 4.36 -1.82 7.78
CA ILE C 78 5.15 -1.94 9.00
C ILE C 78 6.41 -1.09 8.91
N ASP C 79 6.65 -0.26 9.92
CA ASP C 79 7.86 0.54 9.98
C ASP C 79 8.59 0.04 11.23
N ASP C 80 9.61 -0.79 10.99
CA ASP C 80 10.38 -1.40 12.06
C ASP C 80 11.77 -0.78 12.22
N ARG C 81 11.88 0.22 13.07
CA ARG C 81 13.16 0.89 13.29
C ARG C 81 13.87 0.36 14.53
N ARG C 82 14.98 -0.33 14.32
CA ARG C 82 15.74 -0.94 15.42
C ARG C 82 16.87 -0.09 16.01
N ASP C 83 17.19 1.04 15.40
CA ASP C 83 18.28 1.88 15.91
C ASP C 83 17.77 3.13 16.64
N ALA C 84 16.49 3.12 16.96
CA ALA C 84 15.86 4.22 17.68
C ALA C 84 14.47 3.79 18.11
N ASP C 85 13.97 4.36 19.20
CA ASP C 85 12.64 4.01 19.69
C ASP C 85 11.68 5.14 19.38
N ARG C 86 10.84 4.95 18.36
CA ARG C 86 9.90 5.99 17.99
C ARG C 86 8.47 5.48 17.84
N GLY C 87 7.57 6.07 18.62
CA GLY C 87 6.17 5.69 18.53
C GLY C 87 5.48 6.58 17.50
N LEU C 88 4.17 6.45 17.36
CA LEU C 88 3.42 7.25 16.39
C LEU C 88 3.57 8.74 16.66
N ARG C 89 3.46 9.13 17.93
CA ARG C 89 3.59 10.53 18.31
C ARG C 89 4.99 11.07 17.99
N ASP C 90 6.02 10.31 18.33
CA ASP C 90 7.40 10.73 18.06
C ASP C 90 7.61 11.00 16.57
N LYS C 91 7.14 10.09 15.73
CA LYS C 91 7.30 10.26 14.29
C LYS C 91 6.59 11.51 13.79
N VAL C 92 5.39 11.77 14.30
CA VAL C 92 4.64 12.95 13.88
C VAL C 92 5.42 14.22 14.23
N GLU C 93 5.91 14.29 15.46
CA GLU C 93 6.66 15.46 15.92
C GLU C 93 7.97 15.68 15.17
N SER C 94 8.64 14.59 14.82
CA SER C 94 9.91 14.71 14.10
C SER C 94 9.72 15.46 12.78
N VAL C 95 8.52 15.36 12.22
CA VAL C 95 8.21 16.04 10.97
C VAL C 95 7.70 17.46 11.25
N LYS C 96 6.72 17.58 12.14
CA LYS C 96 6.14 18.88 12.48
C LYS C 96 7.16 19.93 12.90
N GLU C 97 8.12 19.54 13.72
CA GLU C 97 9.14 20.45 14.22
C GLU C 97 10.10 20.92 13.13
N LYS C 98 10.25 20.13 12.07
CA LYS C 98 11.15 20.49 10.99
C LYS C 98 10.44 21.22 9.87
N ILE C 99 9.16 21.47 10.06
CA ILE C 99 8.36 22.15 9.04
C ILE C 99 9.09 23.34 8.44
N MSE D 1 -15.72 15.30 -2.25
CA MSE D 1 -14.79 15.05 -1.15
C MSE D 1 -13.99 13.75 -1.35
O MSE D 1 -14.53 12.65 -1.26
CB MSE D 1 -15.53 14.99 0.18
CG MSE D 1 -14.66 14.63 1.38
SE MSE D 1 -13.20 15.86 1.66
CE MSE D 1 -14.12 17.18 2.73
N ILE D 2 -12.70 13.90 -1.61
CA ILE D 2 -11.83 12.75 -1.81
C ILE D 2 -10.86 12.68 -0.64
N THR D 3 -10.76 11.50 -0.04
CA THR D 3 -9.87 11.33 1.08
C THR D 3 -8.68 10.47 0.65
N ALA D 4 -7.50 10.74 1.20
CA ALA D 4 -6.31 10.00 0.81
C ALA D 4 -5.19 10.00 1.82
N GLU D 5 -4.19 9.17 1.56
CA GLU D 5 -3.01 9.07 2.40
C GLU D 5 -1.80 9.00 1.48
N LEU D 6 -0.79 9.79 1.81
CA LEU D 6 0.41 9.88 1.01
C LEU D 6 1.68 9.62 1.81
N THR D 7 2.52 8.73 1.28
CA THR D 7 3.79 8.41 1.90
C THR D 7 4.88 8.61 0.83
N VAL D 8 5.91 9.38 1.18
CA VAL D 8 7.03 9.64 0.27
C VAL D 8 8.28 9.25 1.03
N ILE D 9 8.98 8.23 0.54
CA ILE D 9 10.17 7.72 1.22
C ILE D 9 11.44 7.67 0.38
N PRO D 10 12.51 8.34 0.84
CA PRO D 10 13.78 8.33 0.11
C PRO D 10 14.47 6.98 0.38
N LEU D 11 14.86 6.29 -0.68
CA LEU D 11 15.52 4.98 -0.57
C LEU D 11 17.03 5.07 -0.81
N GLY D 12 17.81 4.27 -0.07
CA GLY D 12 19.26 4.28 -0.25
C GLY D 12 19.97 5.41 0.47
N THR D 13 19.23 6.07 1.35
CA THR D 13 19.72 7.17 2.15
C THR D 13 20.80 6.64 3.12
N CYS D 14 21.76 7.48 3.49
CA CYS D 14 22.82 7.04 4.39
C CYS D 14 22.52 7.34 5.86
N SER D 15 21.24 7.39 6.18
CA SER D 15 20.78 7.63 7.54
C SER D 15 19.38 7.07 7.71
N THR D 16 19.06 6.59 8.90
CA THR D 16 17.73 6.05 9.16
C THR D 16 16.74 7.16 9.52
N SER D 17 17.25 8.37 9.72
CA SER D 17 16.40 9.52 10.04
C SER D 17 15.92 10.09 8.72
N LEU D 18 14.61 10.07 8.49
CA LEU D 18 14.05 10.57 7.25
C LEU D 18 13.20 11.82 7.39
N SER D 19 13.05 12.28 8.64
CA SER D 19 12.26 13.49 8.95
C SER D 19 12.41 14.64 7.97
N SER D 20 13.64 15.05 7.73
CA SER D 20 13.92 16.16 6.83
C SER D 20 13.30 15.96 5.46
N TYR D 21 13.43 14.74 4.93
CA TYR D 21 12.87 14.44 3.63
C TYR D 21 11.34 14.49 3.63
N VAL D 22 10.74 13.93 4.67
CA VAL D 22 9.29 13.93 4.77
C VAL D 22 8.77 15.36 4.95
N ALA D 23 9.51 16.18 5.69
CA ALA D 23 9.13 17.57 5.93
C ALA D 23 9.12 18.34 4.62
N ALA D 24 10.07 18.04 3.75
CA ALA D 24 10.14 18.70 2.45
C ALA D 24 8.92 18.31 1.64
N ALA D 25 8.45 17.08 1.83
CA ALA D 25 7.26 16.60 1.12
C ALA D 25 6.03 17.33 1.63
N VAL D 26 5.87 17.38 2.95
CA VAL D 26 4.74 18.07 3.55
C VAL D 26 4.78 19.57 3.24
N GLU D 27 5.97 20.15 3.34
CA GLU D 27 6.15 21.57 3.06
C GLU D 27 5.60 21.87 1.66
N ALA D 28 5.72 20.91 0.75
CA ALA D 28 5.23 21.07 -0.61
C ALA D 28 3.69 21.08 -0.63
N LEU D 29 3.09 20.34 0.30
CA LEU D 29 1.64 20.29 0.38
C LEU D 29 1.10 21.64 0.85
N LYS D 30 1.81 22.28 1.78
CA LYS D 30 1.39 23.59 2.28
C LYS D 30 1.36 24.64 1.18
N LYS D 31 2.40 24.66 0.35
CA LYS D 31 2.49 25.61 -0.74
C LYS D 31 1.28 25.51 -1.66
N LEU D 32 0.69 24.33 -1.75
CA LEU D 32 -0.48 24.13 -2.59
C LEU D 32 -1.76 24.28 -1.78
N ASN D 33 -1.60 24.69 -0.52
CA ASN D 33 -2.74 24.87 0.37
C ASN D 33 -3.73 23.71 0.32
N VAL D 34 -3.25 22.50 0.58
CA VAL D 34 -4.12 21.33 0.59
C VAL D 34 -4.41 21.02 2.05
N ARG D 35 -5.55 20.39 2.30
CA ARG D 35 -5.91 20.02 3.67
C ARG D 35 -5.17 18.72 3.96
N TYR D 36 -4.29 18.74 4.95
CA TYR D 36 -3.53 17.55 5.30
C TYR D 36 -3.41 17.37 6.80
N GLU D 37 -3.04 16.16 7.19
CA GLU D 37 -2.88 15.83 8.60
C GLU D 37 -1.74 14.82 8.68
N ILE D 38 -0.70 15.17 9.43
CA ILE D 38 0.44 14.29 9.58
C ILE D 38 0.13 13.19 10.59
N SER D 39 0.30 11.93 10.17
CA SER D 39 0.06 10.79 11.06
C SER D 39 1.38 10.03 11.17
N GLY D 40 1.45 9.09 12.10
CA GLY D 40 2.66 8.33 12.29
C GLY D 40 3.08 7.46 11.12
N MSE D 41 2.15 7.13 10.22
CA MSE D 41 2.48 6.28 9.10
C MSE D 41 2.27 6.89 7.73
O MSE D 41 2.17 6.18 6.73
CB MSE D 41 1.70 4.98 9.20
CG MSE D 41 2.02 4.13 10.41
SE MSE D 41 3.84 3.46 10.37
CE MSE D 41 3.66 2.19 8.92
N GLY D 42 2.19 8.22 7.68
CA GLY D 42 1.96 8.89 6.42
C GLY D 42 1.10 10.11 6.64
N THR D 43 0.91 10.92 5.61
CA THR D 43 0.09 12.11 5.77
C THR D 43 -1.26 11.95 5.07
N LEU D 44 -2.32 12.20 5.83
CA LEU D 44 -3.68 12.09 5.31
C LEU D 44 -4.04 13.37 4.58
N LEU D 45 -4.74 13.22 3.47
CA LEU D 45 -5.14 14.36 2.65
C LEU D 45 -6.63 14.37 2.32
N GLU D 46 -7.13 15.55 1.98
CA GLU D 46 -8.51 15.75 1.57
C GLU D 46 -8.41 16.68 0.38
N ALA D 47 -9.13 16.35 -0.68
CA ALA D 47 -9.13 17.17 -1.89
C ALA D 47 -10.52 17.20 -2.50
N GLU D 48 -10.81 18.26 -3.25
CA GLU D 48 -12.11 18.40 -3.89
C GLU D 48 -12.20 17.58 -5.18
N ASP D 49 -11.07 17.37 -5.83
CA ASP D 49 -11.05 16.61 -7.07
C ASP D 49 -9.71 15.94 -7.34
N LEU D 50 -9.72 14.96 -8.25
CA LEU D 50 -8.52 14.21 -8.60
C LEU D 50 -7.33 15.08 -9.03
N ASP D 51 -7.58 16.10 -9.84
CA ASP D 51 -6.51 16.98 -10.31
C ASP D 51 -5.72 17.58 -9.17
N GLU D 52 -6.41 18.14 -8.18
CA GLU D 52 -5.75 18.74 -7.03
C GLU D 52 -4.88 17.70 -6.34
N LEU D 53 -5.43 16.51 -6.15
CA LEU D 53 -4.72 15.43 -5.50
C LEU D 53 -3.44 15.05 -6.26
N MSE D 54 -3.58 14.82 -7.56
CA MSE D 54 -2.44 14.46 -8.40
C MSE D 54 -1.35 15.54 -8.32
O MSE D 54 -0.17 15.24 -8.31
CB MSE D 54 -2.87 14.28 -9.86
CG MSE D 54 -3.99 13.27 -10.07
SE MSE D 54 -3.47 11.45 -9.71
CE MSE D 54 -3.74 11.41 -7.79
N GLU D 55 -1.78 16.80 -8.28
CA GLU D 55 -0.85 17.92 -8.21
C GLU D 55 -0.09 17.90 -6.89
N ALA D 56 -0.80 17.64 -5.80
CA ALA D 56 -0.18 17.59 -4.48
C ALA D 56 0.83 16.44 -4.40
N VAL D 57 0.42 15.27 -4.86
CA VAL D 57 1.29 14.10 -4.84
C VAL D 57 2.58 14.36 -5.63
N LYS D 58 2.42 14.84 -6.86
CA LYS D 58 3.56 15.13 -7.71
C LYS D 58 4.51 16.12 -7.05
N ALA D 59 3.94 17.15 -6.40
CA ALA D 59 4.75 18.16 -5.73
C ALA D 59 5.53 17.60 -4.54
N ALA D 60 4.89 16.71 -3.77
CA ALA D 60 5.54 16.11 -2.61
C ALA D 60 6.68 15.20 -3.05
N HIS D 61 6.43 14.41 -4.09
CA HIS D 61 7.42 13.50 -4.66
C HIS D 61 8.62 14.31 -5.16
N GLU D 62 8.31 15.32 -5.97
CA GLU D 62 9.30 16.21 -6.54
C GLU D 62 10.17 16.86 -5.47
N ALA D 63 9.55 17.25 -4.36
CA ALA D 63 10.28 17.90 -3.27
C ALA D 63 11.35 17.00 -2.64
N VAL D 64 11.07 15.70 -2.56
CA VAL D 64 12.06 14.79 -1.98
C VAL D 64 13.20 14.57 -2.99
N LEU D 65 12.88 14.59 -4.28
CA LEU D 65 13.90 14.43 -5.30
C LEU D 65 14.84 15.64 -5.25
N GLN D 66 14.26 16.83 -5.06
CA GLN D 66 15.04 18.06 -4.99
C GLN D 66 15.90 18.12 -3.74
N ALA D 67 15.46 17.48 -2.68
CA ALA D 67 16.22 17.49 -1.43
C ALA D 67 17.50 16.66 -1.61
N GLY D 68 17.60 15.98 -2.76
CA GLY D 68 18.79 15.19 -3.04
C GLY D 68 18.69 13.66 -3.10
N SER D 69 17.49 13.11 -3.05
CA SER D 69 17.33 11.66 -3.09
C SER D 69 17.39 11.15 -4.53
N ASP D 70 18.07 10.03 -4.74
CA ASP D 70 18.17 9.46 -6.08
C ASP D 70 17.17 8.34 -6.34
N ARG D 71 16.44 7.96 -5.29
CA ARG D 71 15.42 6.93 -5.43
C ARG D 71 14.32 7.23 -4.43
N VAL D 72 13.18 7.68 -4.95
CA VAL D 72 12.04 8.02 -4.12
C VAL D 72 10.90 7.03 -4.31
N TYR D 73 10.45 6.46 -3.20
CA TYR D 73 9.37 5.48 -3.22
C TYR D 73 8.14 6.20 -2.71
N THR D 74 7.12 6.35 -3.55
CA THR D 74 5.90 7.04 -3.15
C THR D 74 4.65 6.18 -3.19
N THR D 75 3.87 6.28 -2.13
CA THR D 75 2.64 5.53 -2.01
C THR D 75 1.44 6.45 -1.83
N LEU D 76 0.39 6.19 -2.61
CA LEU D 76 -0.83 6.97 -2.54
C LEU D 76 -2.05 6.07 -2.46
N LYS D 77 -2.86 6.28 -1.44
CA LYS D 77 -4.09 5.53 -1.26
C LYS D 77 -5.21 6.54 -1.46
N ILE D 78 -6.14 6.22 -2.35
CA ILE D 78 -7.24 7.12 -2.65
C ILE D 78 -8.61 6.51 -2.35
N ASP D 79 -9.39 7.17 -1.51
CA ASP D 79 -10.74 6.70 -1.19
C ASP D 79 -11.68 7.76 -1.77
N ASP D 80 -12.25 7.45 -2.93
CA ASP D 80 -13.13 8.37 -3.62
C ASP D 80 -14.57 7.88 -3.54
N ARG D 81 -15.32 8.39 -2.56
CA ARG D 81 -16.71 8.01 -2.38
C ARG D 81 -17.61 9.09 -3.00
N ARG D 82 -18.40 8.69 -3.99
CA ARG D 82 -19.28 9.62 -4.71
C ARG D 82 -20.73 9.69 -4.25
N ASP D 83 -21.20 8.69 -3.51
CA ASP D 83 -22.58 8.68 -3.05
C ASP D 83 -22.76 9.28 -1.66
N ALA D 84 -21.71 9.92 -1.15
CA ALA D 84 -21.77 10.54 0.16
C ALA D 84 -20.59 11.50 0.30
N ASP D 85 -20.70 12.44 1.23
CA ASP D 85 -19.61 13.39 1.44
C ASP D 85 -18.99 13.08 2.78
N ARG D 86 -17.85 12.42 2.76
CA ARG D 86 -17.18 12.04 4.00
C ARG D 86 -15.75 12.52 4.06
N GLY D 87 -15.43 13.26 5.11
CA GLY D 87 -14.07 13.74 5.28
C GLY D 87 -13.35 12.80 6.24
N LEU D 88 -12.10 13.11 6.54
CA LEU D 88 -11.31 12.28 7.43
C LEU D 88 -11.97 12.15 8.79
N ARG D 89 -12.43 13.28 9.35
CA ARG D 89 -13.09 13.27 10.64
C ARG D 89 -14.36 12.44 10.61
N ASP D 90 -15.12 12.55 9.52
CA ASP D 90 -16.35 11.78 9.41
C ASP D 90 -16.07 10.29 9.41
N LYS D 91 -15.05 9.87 8.66
CA LYS D 91 -14.70 8.45 8.58
C LYS D 91 -14.28 7.91 9.94
N VAL D 92 -13.54 8.71 10.69
CA VAL D 92 -13.09 8.32 12.02
C VAL D 92 -14.26 8.14 12.98
N GLU D 93 -15.15 9.12 13.01
CA GLU D 93 -16.30 9.04 13.92
C GLU D 93 -17.24 7.89 13.60
N SER D 94 -17.41 7.57 12.32
CA SER D 94 -18.30 6.48 11.93
C SER D 94 -17.82 5.16 12.56
N VAL D 95 -16.51 4.95 12.54
CA VAL D 95 -15.94 3.74 13.11
C VAL D 95 -15.98 3.75 14.64
N LYS D 96 -15.58 4.87 15.24
CA LYS D 96 -15.58 4.96 16.70
C LYS D 96 -16.96 4.70 17.28
N GLU D 97 -17.98 5.23 16.60
CA GLU D 97 -19.36 5.06 17.02
C GLU D 97 -19.76 3.60 17.00
N LYS D 98 -19.08 2.80 16.19
CA LYS D 98 -19.42 1.39 16.08
C LYS D 98 -18.58 0.40 16.90
N ILE D 99 -17.58 0.90 17.62
CA ILE D 99 -16.74 0.05 18.46
C ILE D 99 -17.05 0.38 19.91
S SO4 E . 20.13 -3.26 -8.55
O1 SO4 E . 19.42 -3.64 -9.70
O2 SO4 E . 20.75 -2.01 -8.82
O3 SO4 E . 21.11 -4.26 -8.33
O4 SO4 E . 19.34 -3.17 -7.38
S SO4 F . -13.59 -13.13 -11.55
O1 SO4 F . -14.03 -13.16 -12.90
O2 SO4 F . -13.45 -11.79 -11.11
O3 SO4 F . -12.37 -13.90 -11.49
O4 SO4 F . -14.52 -13.82 -10.72
S SO4 G . -20.25 4.90 6.71
O1 SO4 G . -20.40 5.56 7.97
O2 SO4 G . -20.37 3.49 6.84
O3 SO4 G . -18.94 5.05 6.19
O4 SO4 G . -21.16 5.53 5.81
S SO4 H . -23.70 -6.79 2.38
O1 SO4 H . -23.88 -5.37 2.24
O2 SO4 H . -24.54 -7.25 3.43
O3 SO4 H . -22.34 -7.16 2.65
O4 SO4 H . -24.08 -7.42 1.16
S SO4 I . 13.97 11.19 12.94
O1 SO4 I . 13.85 12.16 13.98
O2 SO4 I . 12.74 10.50 12.75
O3 SO4 I . 15.00 10.31 13.31
O4 SO4 I . 14.25 11.80 11.67
S SO4 J . 22.22 11.14 2.98
O1 SO4 J . 21.24 12.15 2.68
O2 SO4 J . 22.00 10.71 4.33
O3 SO4 J . 23.56 11.65 2.89
O4 SO4 J . 22.07 10.08 2.02
#